data_7JM3
#
_entry.id   7JM3
#
_entity_poly.entity_id   1
_entity_poly.type   'polypeptide(L)'
_entity_poly.pdbx_seq_one_letter_code
;SLLTEVETYVLSIIPSGPLKAEIAQRLEDVFAGKNTDLEVLMEWLKTRPILSPLTKGILGFVFTLTVPSERGLQRRRFVQ
NALNGNGDPNNMDKAKKLYRKLKREITFHGAKEISLSYSAGALASCMGLIYNRMGAVTTEVAFGLVCATCEQIADSQHRS
HRQMVTTTNPLIRHENRMVLASTTAKAMEQMAGSSEQAAEAMEVASQARQMVQAMRTIGTHPSSSAGLKNDLLENLQAYQ
KRMGVQMQRFK
;
_entity_poly.pdbx_strand_id   C
#
# COMPACT_ATOMS: atom_id res chain seq x y z
N SER A 1 18.73 0.63 7.81
CA SER A 1 18.73 0.31 6.39
C SER A 1 17.98 1.35 5.59
N LEU A 2 17.92 1.13 4.28
CA LEU A 2 17.42 2.12 3.33
C LEU A 2 16.35 1.58 2.41
N LEU A 3 16.29 0.28 2.21
CA LEU A 3 15.23 -0.34 1.44
C LEU A 3 14.10 -0.85 2.32
N THR A 4 14.38 -1.14 3.59
CA THR A 4 13.35 -1.34 4.59
C THR A 4 12.92 -0.05 5.26
N GLU A 5 13.27 1.10 4.68
CA GLU A 5 12.73 2.39 5.04
C GLU A 5 12.17 3.09 3.83
N VAL A 6 11.87 2.35 2.77
CA VAL A 6 11.24 2.87 1.57
C VAL A 6 9.99 2.10 1.23
N GLU A 7 10.03 0.78 1.35
CA GLU A 7 8.79 0.01 1.27
C GLU A 7 7.83 0.41 2.37
N THR A 8 8.34 0.87 3.51
CA THR A 8 7.49 1.24 4.62
C THR A 8 6.78 2.54 4.36
N TYR A 9 7.49 3.50 3.79
CA TYR A 9 6.91 4.76 3.41
C TYR A 9 6.24 4.71 2.04
N VAL A 10 6.14 3.55 1.42
CA VAL A 10 5.46 3.39 0.15
C VAL A 10 4.26 2.47 0.25
N LEU A 11 4.37 1.42 1.04
CA LEU A 11 3.25 0.52 1.24
C LEU A 11 2.23 1.03 2.25
N SER A 12 2.51 2.14 2.91
CA SER A 12 1.62 2.72 3.88
C SER A 12 0.66 3.74 3.28
N ILE A 13 0.81 4.05 1.99
CA ILE A 13 -0.07 4.96 1.27
C ILE A 13 -1.06 4.22 0.40
N ILE A 14 -0.83 2.95 0.14
CA ILE A 14 -1.66 2.13 -0.74
C ILE A 14 -2.82 1.58 0.09
N PRO A 15 -4.04 1.50 -0.45
CA PRO A 15 -5.11 0.84 0.31
C PRO A 15 -4.80 -0.62 0.57
N SER A 16 -5.57 -1.20 1.47
CA SER A 16 -5.35 -2.56 1.92
C SER A 16 -6.13 -3.51 1.03
N GLY A 17 -5.48 -4.56 0.59
CA GLY A 17 -6.07 -5.50 -0.32
C GLY A 17 -5.06 -6.28 -1.11
N PRO A 18 -5.53 -7.07 -2.08
CA PRO A 18 -4.59 -7.84 -2.90
C PRO A 18 -3.71 -6.99 -3.78
N LEU A 19 -4.09 -5.73 -4.02
CA LEU A 19 -3.18 -4.82 -4.69
C LEU A 19 -1.90 -4.65 -3.89
N LYS A 20 -2.04 -4.37 -2.59
CA LYS A 20 -0.90 -4.10 -1.74
C LYS A 20 -0.10 -5.37 -1.47
N ALA A 21 -0.75 -6.53 -1.59
CA ALA A 21 -0.04 -7.79 -1.43
C ALA A 21 0.71 -8.19 -2.69
N GLU A 22 0.35 -7.59 -3.82
CA GLU A 22 1.07 -7.84 -5.07
C GLU A 22 2.19 -6.84 -5.26
N ILE A 23 1.90 -5.57 -5.04
CA ILE A 23 2.92 -4.51 -5.11
C ILE A 23 4.10 -4.86 -4.23
N ALA A 24 3.84 -5.40 -3.06
CA ALA A 24 4.91 -5.73 -2.14
C ALA A 24 5.69 -6.97 -2.54
N GLN A 25 5.30 -7.64 -3.62
CA GLN A 25 6.15 -8.63 -4.24
C GLN A 25 6.96 -8.02 -5.37
N ARG A 26 6.39 -7.04 -6.06
CA ARG A 26 7.14 -6.35 -7.10
C ARG A 26 8.27 -5.55 -6.49
N LEU A 27 7.97 -4.79 -5.44
CA LEU A 27 9.01 -4.01 -4.78
C LEU A 27 10.08 -4.92 -4.21
N GLU A 28 9.69 -6.11 -3.75
CA GLU A 28 10.65 -7.05 -3.19
C GLU A 28 11.59 -7.56 -4.26
N ASP A 29 11.04 -8.11 -5.34
CA ASP A 29 11.84 -8.67 -6.41
C ASP A 29 12.57 -7.61 -7.21
N VAL A 30 12.20 -6.34 -7.08
CA VAL A 30 12.91 -5.27 -7.74
C VAL A 30 14.23 -4.99 -7.03
N PHE A 31 14.18 -4.88 -5.71
CA PHE A 31 15.39 -4.64 -4.94
C PHE A 31 16.36 -5.81 -5.04
N ALA A 32 15.84 -7.03 -4.90
CA ALA A 32 16.71 -8.21 -4.94
C ALA A 32 17.39 -8.35 -6.28
N GLY A 33 16.74 -7.93 -7.35
CA GLY A 33 17.31 -7.93 -8.67
C GLY A 33 16.96 -9.14 -9.49
N LYS A 34 15.75 -9.66 -9.37
CA LYS A 34 15.33 -10.75 -10.22
C LYS A 34 15.20 -10.27 -11.66
N ASN A 35 15.01 -11.23 -12.55
CA ASN A 35 14.83 -10.91 -13.97
C ASN A 35 13.50 -10.17 -14.14
N THR A 36 13.58 -8.85 -14.28
CA THR A 36 12.40 -8.00 -14.33
C THR A 36 12.59 -6.96 -15.42
N ASP A 37 11.46 -6.40 -15.87
CA ASP A 37 11.42 -5.36 -16.88
C ASP A 37 10.55 -4.23 -16.38
N LEU A 38 10.79 -3.05 -16.93
CA LEU A 38 10.16 -1.84 -16.45
C LEU A 38 8.85 -1.54 -17.15
N GLU A 39 8.84 -1.54 -18.48
CA GLU A 39 7.65 -1.13 -19.21
C GLU A 39 6.52 -2.14 -19.00
N VAL A 40 6.84 -3.39 -18.71
CA VAL A 40 5.85 -4.31 -18.19
C VAL A 40 5.25 -3.74 -16.91
N LEU A 41 6.11 -3.33 -15.99
CA LEU A 41 5.68 -2.94 -14.66
C LEU A 41 4.89 -1.66 -14.70
N MET A 42 5.27 -0.75 -15.61
CA MET A 42 4.61 0.55 -15.70
C MET A 42 3.28 0.47 -16.42
N GLU A 43 3.09 -0.54 -17.26
CA GLU A 43 1.79 -0.76 -17.88
C GLU A 43 0.86 -1.42 -16.88
N TRP A 44 1.34 -2.46 -16.21
CA TRP A 44 0.57 -3.11 -15.16
C TRP A 44 0.12 -2.15 -14.08
N LEU A 45 0.87 -1.08 -13.87
CA LEU A 45 0.56 -0.09 -12.86
C LEU A 45 -0.30 1.06 -13.37
N LYS A 46 -0.47 1.19 -14.68
CA LYS A 46 -1.30 2.24 -15.24
C LYS A 46 -2.74 1.81 -15.39
N THR A 47 -2.99 0.52 -15.57
CA THR A 47 -4.33 -0.01 -15.75
C THR A 47 -5.04 -0.26 -14.45
N ARG A 48 -4.51 0.21 -13.34
CA ARG A 48 -4.85 -0.49 -12.12
C ARG A 48 -6.19 -0.06 -11.58
N PRO A 49 -6.71 -0.82 -10.63
CA PRO A 49 -7.84 -0.37 -9.83
C PRO A 49 -7.47 0.76 -8.90
N ILE A 50 -8.29 0.97 -7.88
CA ILE A 50 -8.22 2.12 -6.98
C ILE A 50 -6.80 2.43 -6.56
N LEU A 51 -6.36 3.61 -6.94
CA LEU A 51 -5.03 4.11 -6.64
C LEU A 51 -5.00 5.55 -7.07
N SER A 52 -4.58 6.43 -6.19
CA SER A 52 -4.51 7.83 -6.53
C SER A 52 -3.52 8.02 -7.68
N PRO A 53 -3.84 8.84 -8.69
CA PRO A 53 -2.83 9.18 -9.70
C PRO A 53 -1.51 9.66 -9.11
N LEU A 54 -1.57 10.36 -7.99
CA LEU A 54 -0.35 10.68 -7.26
C LEU A 54 0.35 9.42 -6.80
N THR A 55 -0.41 8.41 -6.39
CA THR A 55 0.18 7.19 -5.85
C THR A 55 0.66 6.27 -6.96
N LYS A 56 0.01 6.33 -8.12
CA LYS A 56 0.56 5.66 -9.30
C LYS A 56 1.83 6.34 -9.77
N GLY A 57 2.02 7.60 -9.40
CA GLY A 57 3.19 8.33 -9.83
C GLY A 57 4.41 8.04 -8.98
N ILE A 58 4.25 8.06 -7.67
CA ILE A 58 5.34 7.78 -6.76
C ILE A 58 5.95 6.41 -7.04
N LEU A 59 5.10 5.42 -7.29
CA LEU A 59 5.59 4.09 -7.59
C LEU A 59 6.24 4.00 -8.95
N GLY A 60 5.99 4.97 -9.83
CA GLY A 60 6.74 5.04 -11.07
C GLY A 60 8.07 5.73 -10.85
N PHE A 61 8.10 6.70 -9.95
CA PHE A 61 9.36 7.32 -9.56
C PHE A 61 10.23 6.37 -8.77
N VAL A 62 9.65 5.34 -8.16
CA VAL A 62 10.43 4.37 -7.40
C VAL A 62 11.00 3.31 -8.33
N PHE A 63 10.12 2.62 -9.05
CA PHE A 63 10.56 1.51 -9.90
C PHE A 63 11.50 1.97 -11.01
N THR A 64 11.54 3.25 -11.33
CA THR A 64 12.45 3.73 -12.36
C THR A 64 13.88 3.86 -11.87
N LEU A 65 14.06 4.07 -10.57
CA LEU A 65 15.38 4.19 -9.96
C LEU A 65 15.93 2.87 -9.47
N THR A 66 15.07 2.00 -8.98
CA THR A 66 15.47 0.77 -8.31
C THR A 66 15.83 -0.35 -9.27
N VAL A 67 15.57 -0.18 -10.55
CA VAL A 67 15.56 -1.34 -11.45
C VAL A 67 16.99 -1.58 -11.95
N PRO A 68 17.46 -2.86 -12.08
CA PRO A 68 18.85 -3.11 -12.48
C PRO A 68 19.18 -2.76 -13.92
N SER A 69 19.05 -1.48 -14.27
CA SER A 69 19.62 -0.92 -15.50
C SER A 69 19.26 0.56 -15.54
N GLU A 70 20.01 1.29 -16.35
CA GLU A 70 19.71 2.69 -16.67
C GLU A 70 19.14 2.77 -18.08
N ARG A 71 17.87 2.37 -18.19
CA ARG A 71 17.20 2.39 -19.49
C ARG A 71 17.09 3.82 -20.03
N GLY A 72 16.57 4.74 -19.21
CA GLY A 72 16.37 6.10 -19.69
C GLY A 72 15.40 6.17 -20.85
N LEU A 73 14.37 5.32 -20.83
CA LEU A 73 13.42 5.26 -21.92
C LEU A 73 12.44 6.41 -21.82
N GLN A 74 11.37 6.37 -22.63
CA GLN A 74 10.40 7.45 -22.62
C GLN A 74 9.76 7.55 -21.25
N ARG A 75 10.00 8.69 -20.60
CA ARG A 75 9.45 8.93 -19.29
C ARG A 75 7.93 8.87 -19.36
N ARG A 76 7.37 7.79 -18.85
CA ARG A 76 5.97 7.46 -19.06
C ARG A 76 5.08 8.57 -18.50
N ARG A 77 3.93 8.75 -19.12
CA ARG A 77 3.19 10.00 -19.02
C ARG A 77 2.26 10.04 -17.82
N PHE A 78 1.79 8.89 -17.33
CA PHE A 78 0.89 8.92 -16.18
C PHE A 78 1.61 9.43 -14.94
N VAL A 79 2.93 9.35 -14.91
CA VAL A 79 3.70 9.87 -13.79
C VAL A 79 3.89 11.37 -13.94
N GLN A 80 4.48 11.77 -15.07
CA GLN A 80 4.81 13.18 -15.31
C GLN A 80 3.57 14.06 -15.22
N ASN A 81 2.42 13.52 -15.59
CA ASN A 81 1.16 14.24 -15.44
C ASN A 81 0.65 14.21 -14.02
N ALA A 82 1.06 13.20 -13.24
CA ALA A 82 0.55 13.02 -11.89
C ALA A 82 1.25 13.88 -10.86
N LEU A 83 2.53 14.15 -11.07
CA LEU A 83 3.37 14.78 -10.06
C LEU A 83 3.44 16.29 -10.21
N ASN A 84 2.89 16.86 -11.27
CA ASN A 84 2.82 18.31 -11.40
C ASN A 84 1.74 18.92 -10.53
N GLY A 85 0.68 18.18 -10.23
CA GLY A 85 -0.41 18.69 -9.40
C GLY A 85 -1.36 19.61 -10.13
N ASN A 86 -1.63 19.34 -11.40
CA ASN A 86 -2.47 20.21 -12.23
C ASN A 86 -1.89 21.62 -12.33
N GLY A 87 -0.57 21.70 -12.47
CA GLY A 87 0.13 22.94 -12.76
C GLY A 87 -0.17 24.11 -11.83
N ASP A 88 0.22 24.01 -10.56
CA ASP A 88 0.06 25.11 -9.64
C ASP A 88 1.15 26.15 -9.90
N PRO A 89 0.81 27.37 -10.36
CA PRO A 89 1.88 28.35 -10.60
C PRO A 89 2.60 28.83 -9.35
N ASN A 90 2.09 28.53 -8.15
CA ASN A 90 2.61 29.09 -6.92
C ASN A 90 3.70 28.25 -6.27
N ASN A 91 4.17 27.18 -6.95
CA ASN A 91 5.24 26.34 -6.42
C ASN A 91 6.25 25.94 -7.50
N MET A 92 6.22 26.58 -8.66
CA MET A 92 7.16 26.23 -9.72
C MET A 92 8.59 26.51 -9.30
N ASP A 93 8.79 27.60 -8.56
CA ASP A 93 10.08 27.95 -8.02
C ASP A 93 10.35 27.29 -6.67
N LYS A 94 9.29 27.04 -5.91
CA LYS A 94 9.46 26.41 -4.60
C LYS A 94 10.03 25.01 -4.76
N ALA A 95 9.51 24.25 -5.71
CA ALA A 95 10.13 22.98 -6.05
C ALA A 95 11.56 23.17 -6.51
N LYS A 96 11.80 24.17 -7.35
CA LYS A 96 13.15 24.44 -7.82
C LYS A 96 14.03 24.92 -6.69
N LYS A 97 13.45 25.60 -5.70
CA LYS A 97 14.18 25.87 -4.46
C LYS A 97 14.59 24.58 -3.79
N LEU A 98 13.72 23.58 -3.85
CA LEU A 98 14.00 22.30 -3.20
C LEU A 98 14.91 21.46 -4.05
N TYR A 99 14.70 21.46 -5.36
CA TYR A 99 15.54 20.68 -6.25
C TYR A 99 16.97 21.15 -6.18
N ARG A 100 17.19 22.46 -6.01
CA ARG A 100 18.54 22.97 -5.88
C ARG A 100 19.09 22.77 -4.48
N LYS A 101 18.23 22.59 -3.49
CA LYS A 101 18.72 22.23 -2.16
C LYS A 101 19.12 20.77 -2.11
N LEU A 102 18.23 19.87 -2.53
CA LEU A 102 18.47 18.44 -2.49
C LEU A 102 19.65 18.02 -3.35
N LYS A 103 20.05 18.84 -4.32
CA LYS A 103 21.23 18.54 -5.11
C LYS A 103 22.50 18.49 -4.29
N ARG A 104 22.49 19.06 -3.09
CA ARG A 104 23.68 19.16 -2.26
C ARG A 104 23.82 18.01 -1.26
N GLU A 105 22.76 17.29 -0.97
CA GLU A 105 22.81 16.27 0.08
C GLU A 105 23.28 14.93 -0.45
N ILE A 106 23.86 14.15 0.46
CA ILE A 106 24.46 12.86 0.16
C ILE A 106 23.87 11.75 1.00
N THR A 107 23.16 12.08 2.07
CA THR A 107 22.55 11.12 2.97
C THR A 107 21.03 11.18 2.85
N PHE A 108 20.38 10.26 3.55
CA PHE A 108 18.94 10.02 3.44
C PHE A 108 18.14 10.93 4.35
N HIS A 109 18.39 10.85 5.66
CA HIS A 109 17.63 11.64 6.61
C HIS A 109 17.91 13.12 6.45
N GLY A 110 19.03 13.49 5.84
CA GLY A 110 19.27 14.89 5.55
C GLY A 110 18.25 15.45 4.57
N ALA A 111 17.75 14.61 3.68
CA ALA A 111 16.76 15.03 2.71
C ALA A 111 15.35 14.94 3.28
N LYS A 112 15.07 13.87 4.01
CA LYS A 112 13.73 13.68 4.56
C LYS A 112 13.39 14.78 5.55
N GLU A 113 14.37 15.30 6.27
CA GLU A 113 14.13 16.43 7.15
C GLU A 113 13.78 17.68 6.36
N ILE A 114 14.65 18.04 5.42
CA ILE A 114 14.46 19.24 4.62
C ILE A 114 13.14 19.21 3.87
N SER A 115 12.74 18.03 3.39
CA SER A 115 11.53 17.89 2.61
C SER A 115 10.29 17.84 3.47
N LEU A 116 10.42 17.46 4.74
CA LEU A 116 9.27 17.51 5.64
C LEU A 116 8.95 18.95 6.02
N SER A 117 9.98 19.76 6.30
CA SER A 117 9.81 21.18 6.58
C SER A 117 9.52 21.94 5.29
N TYR A 118 8.37 21.64 4.72
CA TYR A 118 8.00 22.06 3.37
C TYR A 118 6.56 21.63 3.15
N SER A 119 5.97 22.10 2.04
CA SER A 119 4.58 21.81 1.73
C SER A 119 4.34 20.32 1.54
N ALA A 120 3.06 19.96 1.49
CA ALA A 120 2.62 18.59 1.32
C ALA A 120 2.34 18.23 -0.14
N GLY A 121 2.43 19.18 -1.06
CA GLY A 121 2.08 18.95 -2.45
C GLY A 121 3.09 19.50 -3.44
N ALA A 122 3.93 20.43 -3.01
CA ALA A 122 5.01 20.89 -3.87
C ALA A 122 6.14 19.89 -3.94
N LEU A 123 6.17 18.92 -3.02
CA LEU A 123 7.17 17.86 -3.09
C LEU A 123 7.02 17.07 -4.38
N ALA A 124 5.78 16.81 -4.79
CA ALA A 124 5.54 16.09 -6.04
C ALA A 124 6.11 16.84 -7.23
N SER A 125 6.01 18.17 -7.23
CA SER A 125 6.56 18.96 -8.33
C SER A 125 8.07 18.80 -8.40
N CYS A 126 8.74 18.69 -7.26
CA CYS A 126 10.16 18.36 -7.27
C CYS A 126 10.40 16.96 -7.80
N MET A 127 9.51 16.03 -7.43
CA MET A 127 9.67 14.66 -7.88
C MET A 127 9.41 14.54 -9.38
N GLY A 128 8.47 15.32 -9.90
CA GLY A 128 8.29 15.42 -11.33
C GLY A 128 9.39 16.18 -12.03
N LEU A 129 10.19 16.93 -11.27
CA LEU A 129 11.36 17.59 -11.83
C LEU A 129 12.55 16.64 -11.86
N ILE A 130 12.75 15.89 -10.79
CA ILE A 130 13.76 14.85 -10.80
C ILE A 130 13.43 13.76 -11.81
N TYR A 131 12.15 13.59 -12.12
CA TYR A 131 11.76 12.62 -13.12
C TYR A 131 12.06 13.08 -14.53
N ASN A 132 12.59 14.30 -14.70
CA ASN A 132 12.98 14.81 -16.01
C ASN A 132 14.46 15.08 -16.16
N ARG A 133 15.20 15.30 -15.07
CA ARG A 133 16.64 15.57 -15.13
C ARG A 133 17.48 14.45 -14.53
N MET A 134 17.28 14.15 -13.25
CA MET A 134 17.96 13.08 -12.50
C MET A 134 19.46 13.04 -12.80
N GLY A 135 20.14 14.12 -12.43
CA GLY A 135 21.51 14.35 -12.86
C GLY A 135 22.52 14.46 -11.74
N ALA A 136 22.12 15.10 -10.64
CA ALA A 136 22.98 15.29 -9.48
C ALA A 136 22.30 14.89 -8.19
N VAL A 137 21.02 14.51 -8.23
CA VAL A 137 20.32 13.99 -7.07
C VAL A 137 20.50 12.49 -7.07
N THR A 138 21.36 11.99 -6.18
CA THR A 138 21.53 10.56 -6.04
C THR A 138 20.24 9.92 -5.56
N THR A 139 20.15 8.61 -5.76
CA THR A 139 18.91 7.89 -5.49
C THR A 139 18.61 7.84 -4.00
N GLU A 140 19.64 7.85 -3.15
CA GLU A 140 19.41 7.91 -1.71
C GLU A 140 18.64 9.17 -1.32
N VAL A 141 18.99 10.30 -1.93
CA VAL A 141 18.29 11.54 -1.64
C VAL A 141 16.85 11.46 -2.10
N ALA A 142 16.63 11.01 -3.33
CA ALA A 142 15.28 10.90 -3.87
C ALA A 142 14.39 10.04 -2.98
N PHE A 143 14.92 8.92 -2.51
CA PHE A 143 14.19 8.10 -1.55
C PHE A 143 13.95 8.84 -0.25
N GLY A 144 14.78 9.83 0.06
CA GLY A 144 14.49 10.67 1.20
C GLY A 144 13.32 11.58 0.95
N LEU A 145 13.04 11.87 -0.31
CA LEU A 145 11.96 12.78 -0.65
C LEU A 145 10.63 12.07 -0.73
N VAL A 146 10.60 10.90 -1.38
CA VAL A 146 9.35 10.16 -1.46
C VAL A 146 8.94 9.67 -0.08
N CYS A 147 9.92 9.41 0.79
CA CYS A 147 9.59 9.02 2.16
C CYS A 147 9.00 10.20 2.92
N ALA A 148 9.22 11.42 2.45
CA ALA A 148 8.59 12.59 3.03
C ALA A 148 7.26 12.87 2.35
N THR A 149 7.24 12.75 1.03
CA THR A 149 6.01 12.94 0.27
C THR A 149 4.94 11.97 0.73
N CYS A 150 5.34 10.76 1.09
CA CYS A 150 4.40 9.73 1.49
C CYS A 150 4.18 9.69 2.98
N GLU A 151 4.91 10.52 3.75
CA GLU A 151 4.61 10.66 5.16
C GLU A 151 3.63 11.80 5.38
N GLN A 152 3.67 12.81 4.52
CA GLN A 152 2.63 13.84 4.54
C GLN A 152 1.28 13.25 4.18
N ILE A 153 1.29 12.14 3.43
CA ILE A 153 0.04 11.47 3.05
C ILE A 153 -0.43 10.57 4.18
N ALA A 154 0.48 9.75 4.71
CA ALA A 154 0.11 8.81 5.74
C ALA A 154 -0.39 9.50 7.00
N ASP A 155 0.04 10.74 7.22
CA ASP A 155 -0.55 11.53 8.31
C ASP A 155 -1.91 12.07 7.92
N SER A 156 -2.18 12.21 6.63
CA SER A 156 -3.49 12.66 6.20
C SER A 156 -4.54 11.60 6.47
N GLN A 157 -4.14 10.33 6.40
CA GLN A 157 -5.06 9.25 6.71
C GLN A 157 -5.21 9.10 8.21
N HIS A 158 -4.11 9.18 8.95
CA HIS A 158 -4.17 9.04 10.40
C HIS A 158 -5.02 10.14 11.04
N ARG A 159 -5.09 11.30 10.40
CA ARG A 159 -6.04 12.33 10.82
C ARG A 159 -7.43 12.13 10.21
N SER A 160 -7.66 11.02 9.51
CA SER A 160 -8.93 10.72 8.87
C SER A 160 -9.56 9.47 9.45
N HIS A 161 -8.83 8.37 9.46
CA HIS A 161 -9.37 7.13 10.04
C HIS A 161 -9.38 7.15 11.56
N ARG A 162 -9.02 8.28 12.17
CA ARG A 162 -9.20 8.52 13.59
C ARG A 162 -10.32 9.52 13.86
N GLN A 163 -10.61 10.41 12.91
CA GLN A 163 -11.71 11.36 12.98
C GLN A 163 -13.02 10.78 12.45
N MET A 164 -13.07 9.48 12.22
CA MET A 164 -14.25 8.84 11.65
C MET A 164 -15.43 8.92 12.61
N VAL A 165 -16.62 8.67 12.08
CA VAL A 165 -17.87 8.64 12.83
C VAL A 165 -18.47 7.26 12.63
N THR A 166 -18.44 6.46 13.68
CA THR A 166 -18.85 5.07 13.59
C THR A 166 -20.35 5.00 13.31
N THR A 167 -20.74 3.89 12.72
CA THR A 167 -22.10 3.72 12.21
C THR A 167 -23.05 3.28 13.31
N THR A 168 -24.30 3.74 13.18
CA THR A 168 -25.37 3.40 14.10
C THR A 168 -26.34 2.37 13.55
N ASN A 169 -26.47 2.29 12.24
CA ASN A 169 -27.41 1.37 11.62
C ASN A 169 -27.00 -0.08 11.89
N PRO A 170 -27.97 -1.02 12.01
CA PRO A 170 -27.59 -2.42 12.20
C PRO A 170 -27.34 -3.16 10.89
N LEU A 171 -28.03 -2.75 9.84
CA LEU A 171 -27.85 -3.38 8.54
C LEU A 171 -26.41 -3.28 8.09
N ILE A 172 -25.83 -2.09 8.23
CA ILE A 172 -24.45 -1.86 7.87
C ILE A 172 -23.51 -2.54 8.85
N ARG A 173 -23.84 -2.50 10.14
CA ARG A 173 -23.02 -3.19 11.12
C ARG A 173 -23.27 -4.69 11.11
N HIS A 174 -24.25 -5.15 10.35
CA HIS A 174 -24.43 -6.58 10.13
C HIS A 174 -23.54 -7.06 9.01
N GLU A 175 -23.40 -6.24 7.98
CA GLU A 175 -22.62 -6.64 6.83
C GLU A 175 -21.13 -6.58 7.14
N ASN A 176 -20.72 -5.59 7.93
CA ASN A 176 -19.33 -5.47 8.33
C ASN A 176 -18.88 -6.70 9.10
N ARG A 177 -19.77 -7.31 9.87
CA ARG A 177 -19.42 -8.54 10.57
C ARG A 177 -19.34 -9.71 9.61
N MET A 178 -20.06 -9.63 8.50
CA MET A 178 -20.01 -10.69 7.50
C MET A 178 -18.78 -10.55 6.61
N VAL A 179 -18.47 -9.32 6.24
CA VAL A 179 -17.30 -9.07 5.39
C VAL A 179 -16.03 -9.51 6.10
N LEU A 180 -15.80 -8.98 7.29
CA LEU A 180 -14.61 -9.28 8.06
C LEU A 180 -14.40 -10.77 8.24
N ALA A 181 -15.47 -11.51 8.45
CA ALA A 181 -15.36 -12.96 8.62
C ALA A 181 -15.17 -13.66 7.29
N SER A 182 -15.96 -13.29 6.29
CA SER A 182 -15.83 -13.92 4.99
C SER A 182 -14.49 -13.58 4.37
N THR A 183 -13.97 -12.39 4.67
CA THR A 183 -12.64 -12.02 4.23
C THR A 183 -11.57 -12.78 5.00
N THR A 184 -11.58 -12.66 6.34
CA THR A 184 -10.65 -13.37 7.19
C THR A 184 -10.66 -14.87 6.93
N ALA A 185 -11.80 -15.43 6.57
CA ALA A 185 -11.87 -16.86 6.35
C ALA A 185 -11.27 -17.24 5.00
N LYS A 186 -11.24 -16.31 4.05
CA LYS A 186 -10.62 -16.60 2.76
C LYS A 186 -9.11 -16.64 2.88
N ALA A 187 -8.57 -15.79 3.75
CA ALA A 187 -7.15 -15.80 4.02
C ALA A 187 -6.72 -17.11 4.68
N MET A 188 -7.49 -17.57 5.65
CA MET A 188 -7.15 -18.78 6.39
C MET A 188 -7.22 -20.02 5.52
N GLU A 189 -8.00 -19.97 4.45
CA GLU A 189 -7.93 -21.03 3.45
C GLU A 189 -6.58 -21.04 2.75
N GLN A 190 -5.92 -19.90 2.68
CA GLN A 190 -4.64 -19.78 1.98
C GLN A 190 -3.48 -20.01 2.93
N MET A 191 -3.54 -19.41 4.11
CA MET A 191 -2.51 -19.59 5.13
C MET A 191 -2.40 -21.02 5.60
N ALA A 192 -3.42 -21.84 5.35
CA ALA A 192 -3.41 -23.25 5.71
C ALA A 192 -3.02 -24.17 4.57
N GLY A 193 -3.39 -23.80 3.34
CA GLY A 193 -3.08 -24.62 2.18
C GLY A 193 -1.60 -24.82 1.96
N SER A 194 -0.76 -23.92 2.47
CA SER A 194 0.68 -24.06 2.41
C SER A 194 1.25 -24.77 3.63
N SER A 195 0.44 -25.56 4.33
CA SER A 195 0.83 -26.26 5.53
C SER A 195 0.59 -27.76 5.35
N GLU A 196 0.85 -28.53 6.41
CA GLU A 196 0.88 -29.98 6.30
C GLU A 196 -0.51 -30.59 6.38
N GLN A 197 -1.34 -30.12 7.30
CA GLN A 197 -2.68 -30.66 7.44
C GLN A 197 -3.62 -30.09 6.37
N ALA A 198 -3.82 -28.77 6.38
CA ALA A 198 -4.67 -28.07 5.41
C ALA A 198 -6.07 -28.68 5.29
N ALA A 199 -6.55 -29.37 6.34
CA ALA A 199 -7.77 -30.15 6.25
C ALA A 199 -8.70 -29.99 7.43
N GLU A 200 -8.27 -29.41 8.54
CA GLU A 200 -9.13 -29.16 9.69
C GLU A 200 -9.57 -27.72 9.76
N ALA A 201 -8.70 -26.79 9.38
CA ALA A 201 -9.00 -25.36 9.46
C ALA A 201 -9.36 -24.77 8.10
N MET A 202 -9.01 -25.46 7.02
CA MET A 202 -9.53 -25.07 5.73
C MET A 202 -11.03 -25.27 5.67
N GLU A 203 -11.54 -26.26 6.42
CA GLU A 203 -12.97 -26.52 6.48
C GLU A 203 -13.66 -25.60 7.48
N VAL A 204 -13.08 -25.44 8.67
CA VAL A 204 -13.62 -24.55 9.68
C VAL A 204 -13.73 -23.13 9.16
N ALA A 205 -12.88 -22.77 8.20
CA ALA A 205 -12.95 -21.48 7.55
C ALA A 205 -13.94 -21.46 6.39
N SER A 206 -14.06 -22.57 5.66
CA SER A 206 -14.98 -22.60 4.54
C SER A 206 -16.41 -22.55 4.99
N GLN A 207 -16.75 -23.25 6.08
CA GLN A 207 -18.13 -23.25 6.53
C GLN A 207 -18.56 -21.90 7.04
N ALA A 208 -17.65 -21.14 7.62
CA ALA A 208 -17.97 -19.78 8.04
C ALA A 208 -18.04 -18.84 6.85
N ARG A 209 -17.66 -19.31 5.67
CA ARG A 209 -18.01 -18.61 4.44
C ARG A 209 -19.36 -19.08 3.93
N GLN A 210 -19.71 -20.34 4.19
CA GLN A 210 -21.02 -20.84 3.82
C GLN A 210 -22.10 -20.28 4.72
N MET A 211 -21.85 -20.26 6.03
CA MET A 211 -22.83 -19.70 6.96
C MET A 211 -23.12 -18.24 6.67
N VAL A 212 -22.16 -17.54 6.08
CA VAL A 212 -22.37 -16.14 5.74
C VAL A 212 -23.08 -16.03 4.40
N GLN A 213 -22.87 -17.00 3.52
CA GLN A 213 -23.65 -17.09 2.30
C GLN A 213 -25.11 -17.35 2.61
N ALA A 214 -25.36 -18.04 3.72
CA ALA A 214 -26.72 -18.41 4.06
C ALA A 214 -27.50 -17.22 4.56
N MET A 215 -26.90 -16.41 5.42
CA MET A 215 -27.57 -15.23 5.95
C MET A 215 -28.01 -14.30 4.83
N ARG A 216 -27.14 -14.08 3.87
CA ARG A 216 -27.50 -13.30 2.70
C ARG A 216 -28.56 -14.01 1.88
N THR A 217 -28.51 -15.34 1.85
CA THR A 217 -29.48 -16.15 1.14
C THR A 217 -30.79 -16.31 1.89
N ILE A 218 -30.84 -15.91 3.16
CA ILE A 218 -32.04 -16.06 3.97
C ILE A 218 -32.62 -14.72 4.40
N GLY A 219 -31.78 -13.70 4.59
CA GLY A 219 -32.25 -12.41 5.04
C GLY A 219 -32.31 -12.38 6.54
N THR A 220 -31.31 -12.99 7.15
CA THR A 220 -31.31 -13.23 8.58
C THR A 220 -31.25 -11.90 9.33
N HIS A 221 -31.63 -11.94 10.58
CA HIS A 221 -31.71 -10.79 11.45
C HIS A 221 -30.31 -10.31 11.81
N PRO A 222 -30.11 -8.98 11.95
CA PRO A 222 -28.76 -8.48 12.25
C PRO A 222 -28.17 -8.84 13.60
N SER A 223 -28.91 -9.56 14.43
CA SER A 223 -28.42 -10.01 15.72
C SER A 223 -27.89 -11.43 15.67
N SER A 224 -27.50 -11.89 14.49
CA SER A 224 -26.99 -13.24 14.29
C SER A 224 -25.52 -13.29 13.98
N SER A 225 -24.99 -12.26 13.33
CA SER A 225 -23.57 -12.16 13.04
C SER A 225 -22.75 -11.76 14.25
N ALA A 226 -23.40 -11.40 15.35
CA ALA A 226 -22.69 -10.92 16.53
C ALA A 226 -21.82 -12.03 17.08
N GLY A 227 -20.52 -11.84 17.02
CA GLY A 227 -19.57 -12.82 17.48
C GLY A 227 -19.33 -13.89 16.46
N LEU A 228 -18.93 -13.49 15.26
CA LEU A 228 -18.72 -14.39 14.13
C LEU A 228 -17.25 -14.50 13.76
N LYS A 229 -16.55 -13.38 13.70
CA LYS A 229 -15.10 -13.43 13.55
C LYS A 229 -14.47 -14.12 14.75
N ASN A 230 -14.66 -13.56 15.93
CA ASN A 230 -14.03 -14.11 17.13
C ASN A 230 -14.50 -15.52 17.43
N ASP A 231 -15.64 -15.94 16.89
CA ASP A 231 -16.09 -17.32 17.04
C ASP A 231 -15.46 -18.22 16.00
N LEU A 232 -15.03 -17.64 14.88
CA LEU A 232 -14.29 -18.41 13.90
C LEU A 232 -12.90 -18.74 14.42
N LEU A 233 -12.20 -17.71 14.90
CA LEU A 233 -10.82 -17.85 15.32
C LEU A 233 -10.69 -18.88 16.43
N GLU A 234 -11.69 -18.92 17.32
CA GLU A 234 -11.69 -19.86 18.43
C GLU A 234 -11.74 -21.30 17.97
N ASN A 235 -12.40 -21.57 16.84
CA ASN A 235 -12.55 -22.93 16.36
C ASN A 235 -11.33 -23.41 15.60
N LEU A 236 -10.45 -22.50 15.19
CA LEU A 236 -9.16 -22.85 14.62
C LEU A 236 -8.03 -22.16 15.38
N GLN A 237 -8.26 -21.83 16.65
CA GLN A 237 -7.23 -21.47 17.61
C GLN A 237 -6.40 -22.67 18.05
N ALA A 238 -6.73 -23.86 17.58
CA ALA A 238 -5.99 -25.08 17.87
C ALA A 238 -5.16 -25.55 16.70
N TYR A 239 -5.77 -25.65 15.52
CA TYR A 239 -5.09 -26.11 14.32
C TYR A 239 -4.22 -24.99 13.76
N GLN A 240 -4.85 -23.89 13.35
CA GLN A 240 -4.15 -22.76 12.79
C GLN A 240 -3.62 -21.84 13.88
N LYS A 241 -2.95 -22.38 14.87
CA LYS A 241 -2.20 -21.60 15.82
C LYS A 241 -0.77 -22.09 15.95
N ARG A 242 -0.55 -23.40 15.86
CA ARG A 242 0.77 -24.00 15.89
C ARG A 242 1.07 -24.81 14.64
N MET A 243 0.06 -25.41 14.02
CA MET A 243 0.18 -25.97 12.68
C MET A 243 -0.13 -24.94 11.58
N GLY A 244 -0.06 -23.65 11.91
CA GLY A 244 -0.32 -22.60 10.97
C GLY A 244 0.59 -21.41 11.24
N VAL A 245 0.03 -20.20 11.36
CA VAL A 245 0.85 -19.04 11.65
C VAL A 245 0.72 -18.66 13.12
N GLN A 246 -0.43 -18.09 13.47
CA GLN A 246 -0.69 -17.46 14.75
C GLN A 246 -2.04 -16.79 14.57
N MET A 247 -2.59 -16.29 15.66
CA MET A 247 -3.92 -15.71 15.68
C MET A 247 -3.89 -14.57 16.68
N GLN A 248 -5.08 -14.18 17.18
CA GLN A 248 -5.27 -13.02 18.06
C GLN A 248 -4.52 -11.79 17.57
N ARG A 249 -4.44 -11.67 16.25
CA ARG A 249 -3.81 -10.57 15.55
C ARG A 249 -4.74 -10.07 14.46
N PHE A 250 -5.54 -10.97 13.89
CA PHE A 250 -6.47 -10.63 12.83
C PHE A 250 -7.64 -9.81 13.34
N LYS A 251 -8.08 -10.05 14.56
CA LYS A 251 -9.08 -9.21 15.18
C LYS A 251 -8.53 -7.82 15.49
#